data_6YM9
#
_entry.id   6YM9
#
_cell.length_a   89.063
_cell.length_b   89.063
_cell.length_c   181.327
_cell.angle_alpha   90.000
_cell.angle_beta   90.000
_cell.angle_gamma   120.000
#
_symmetry.space_group_name_H-M   'P 65'
#
loop_
_entity.id
_entity.type
_entity.pdbx_description
1 polymer 'Cell division protein FtsZ'
2 non-polymer "5'-GUANOSINE-DIPHOSPHATE-MONOTHIOPHOSPHATE"
3 water water
#
_entity_poly.entity_id   1
_entity_poly.type   'polypeptide(L)'
_entity_poly.pdbx_seq_one_letter_code
;MTPPHNYLAVIKVVGIGGGGVNAVNRMIEQGLKGVEFIAINTDAQALLMSDADVKLDVGRDSTRGLGAGADPEVGRKAAE
DAKDEIEELLRGADMVFVTAGEGGGTGTGGAPVVASIARKLGALTVGVVTRPFSFEGKRRSNQAENGIAALRESCDTLIV
IPNDRLLQMGDAAVSLMDAFRSADEVLLNGVQGITDLITTPGLINVDFADVKGIMSGAGTALMGIGSARGEGRSLKAAEI
AINSPLLEASMEGAQGVLMSIAGGSDLGLFEINEAASLVQDAAHPDANIIFGTVIDDSLGDEVRVTVIAAGFDVS
;
_entity_poly.pdbx_strand_id   A,B
#
loop_
_chem_comp.id
_chem_comp.type
_chem_comp.name
_chem_comp.formula
GSP non-polymer 5'-GUANOSINE-DIPHOSPHATE-MONOTHIOPHOSPHATE 'C10 H16 N5 O13 P3 S'
#
# COMPACT_ATOMS: atom_id res chain seq x y z
N HIS A 5 -3.91 -20.56 -8.89
CA HIS A 5 -2.52 -20.14 -8.76
C HIS A 5 -2.18 -19.88 -7.29
N ASN A 6 -0.93 -20.21 -6.88
CA ASN A 6 -0.45 -19.92 -5.52
C ASN A 6 -0.20 -18.39 -5.26
N TYR A 7 -0.70 -17.58 -6.20
CA TYR A 7 -0.47 -16.14 -6.23
C TYR A 7 -1.10 -15.44 -5.02
N LEU A 8 -0.32 -14.63 -4.32
CA LEU A 8 -0.83 -13.86 -3.18
C LEU A 8 -1.31 -12.49 -3.67
N ALA A 9 -2.63 -12.33 -3.81
CA ALA A 9 -3.13 -11.10 -4.42
C ALA A 9 -3.14 -10.01 -3.36
N VAL A 10 -2.74 -8.80 -3.76
CA VAL A 10 -2.76 -7.66 -2.85
C VAL A 10 -4.02 -6.83 -3.16
N ILE A 11 -4.82 -6.60 -2.12
CA ILE A 11 -6.13 -5.93 -2.23
C ILE A 11 -6.09 -4.68 -1.38
N LYS A 12 -6.49 -3.55 -1.96
CA LYS A 12 -6.59 -2.28 -1.27
C LYS A 12 -8.01 -1.76 -1.39
N VAL A 13 -8.56 -1.28 -0.27
CA VAL A 13 -9.93 -0.76 -0.18
C VAL A 13 -9.83 0.73 0.13
N VAL A 14 -10.25 1.58 -0.81
CA VAL A 14 -10.18 3.03 -0.64
C VAL A 14 -11.58 3.55 -0.26
N GLY A 15 -11.68 4.32 0.81
CA GLY A 15 -12.88 5.10 1.10
C GLY A 15 -12.59 6.58 0.88
N ILE A 16 -13.42 7.25 0.07
CA ILE A 16 -13.16 8.66 -0.22
C ILE A 16 -14.40 9.49 0.10
N GLY A 17 -14.18 10.62 0.79
CA GLY A 17 -15.26 11.39 1.37
C GLY A 17 -15.75 10.81 2.69
N GLY A 18 -16.60 11.61 3.37
CA GLY A 18 -17.02 11.27 4.71
C GLY A 18 -17.67 9.89 4.80
N GLY A 19 -18.61 9.63 3.90
CA GLY A 19 -19.33 8.35 3.97
C GLY A 19 -18.43 7.17 3.66
N GLY A 20 -17.59 7.31 2.62
CA GLY A 20 -16.64 6.26 2.29
C GLY A 20 -15.69 5.98 3.45
N VAL A 21 -15.23 7.03 4.14
CA VAL A 21 -14.29 6.84 5.24
C VAL A 21 -14.99 6.18 6.44
N ASN A 22 -16.23 6.60 6.72
CA ASN A 22 -17.01 5.94 7.76
C ASN A 22 -17.29 4.47 7.43
N ALA A 23 -17.58 4.17 6.16
CA ALA A 23 -17.74 2.76 5.79
C ALA A 23 -16.45 1.97 6.03
N VAL A 24 -15.30 2.54 5.67
CA VAL A 24 -14.05 1.85 5.89
C VAL A 24 -13.82 1.62 7.39
N ASN A 25 -14.12 2.63 8.23
CA ASN A 25 -14.04 2.44 9.69
C ASN A 25 -14.89 1.28 10.16
N ARG A 26 -16.07 1.13 9.59
CA ARG A 26 -16.94 0.03 9.96
C ARG A 26 -16.36 -1.33 9.52
N MET A 27 -15.77 -1.38 8.32
CA MET A 27 -15.09 -2.60 7.89
C MET A 27 -13.99 -2.98 8.87
N ILE A 28 -13.24 -1.99 9.34
CA ILE A 28 -12.16 -2.25 10.28
C ILE A 28 -12.76 -2.72 11.62
N GLU A 29 -13.81 -2.04 12.08
CA GLU A 29 -14.42 -2.46 13.35
C GLU A 29 -15.00 -3.88 13.29
N GLN A 30 -15.50 -4.30 12.14
CA GLN A 30 -16.07 -5.63 11.99
C GLN A 30 -15.01 -6.67 11.68
N GLY A 31 -13.73 -6.28 11.63
CA GLY A 31 -12.66 -7.23 11.41
C GLY A 31 -12.48 -7.78 10.01
N LEU A 32 -12.83 -7.03 8.98
CA LEU A 32 -12.52 -7.46 7.62
C LEU A 32 -11.00 -7.61 7.47
N LYS A 33 -10.55 -8.80 7.03
CA LYS A 33 -9.14 -9.15 7.01
C LYS A 33 -8.62 -9.20 5.56
N GLY A 34 -7.30 -9.22 5.43
CA GLY A 34 -6.65 -9.53 4.16
C GLY A 34 -6.55 -8.38 3.19
N VAL A 35 -6.89 -7.16 3.61
CA VAL A 35 -6.92 -6.02 2.73
C VAL A 35 -6.27 -4.83 3.43
N GLU A 36 -5.71 -3.92 2.64
CA GLU A 36 -5.20 -2.68 3.17
C GLU A 36 -6.24 -1.59 3.00
N PHE A 37 -6.43 -0.79 4.04
CA PHE A 37 -7.49 0.23 4.11
C PHE A 37 -6.91 1.62 3.90
N ILE A 38 -7.45 2.38 2.94
CA ILE A 38 -6.95 3.71 2.62
C ILE A 38 -8.12 4.68 2.71
N ALA A 39 -7.90 5.80 3.40
CA ALA A 39 -8.91 6.83 3.61
C ALA A 39 -8.43 8.11 2.95
N ILE A 40 -9.27 8.68 2.10
CA ILE A 40 -9.01 9.96 1.46
C ILE A 40 -10.16 10.92 1.76
N ASN A 41 -9.84 12.11 2.22
CA ASN A 41 -10.88 13.09 2.47
C ASN A 41 -10.29 14.48 2.35
N THR A 42 -11.20 15.47 2.40
CA THR A 42 -10.89 16.89 2.37
C THR A 42 -11.12 17.54 3.73
N ASP A 43 -10.90 16.80 4.81
CA ASP A 43 -11.19 17.29 6.15
C ASP A 43 -10.22 16.61 7.12
N ALA A 44 -9.17 17.34 7.50
CA ALA A 44 -8.09 16.74 8.29
C ALA A 44 -8.62 16.19 9.61
N GLN A 45 -9.61 16.86 10.20
CA GLN A 45 -10.16 16.44 11.48
C GLN A 45 -10.87 15.09 11.38
N ALA A 46 -11.79 14.95 10.42
CA ALA A 46 -12.45 13.66 10.24
C ALA A 46 -11.44 12.55 9.99
N LEU A 47 -10.36 12.83 9.25
CA LEU A 47 -9.37 11.78 8.98
C LEU A 47 -8.64 11.37 10.23
N LEU A 48 -8.46 12.30 11.17
CA LEU A 48 -7.76 11.97 12.40
C LEU A 48 -8.43 10.82 13.12
N MET A 49 -9.75 10.77 13.09
CA MET A 49 -10.53 9.70 13.71
C MET A 49 -10.71 8.47 12.83
N SER A 50 -10.08 8.42 11.67
CA SER A 50 -10.12 7.20 10.87
C SER A 50 -9.08 6.20 11.37
N ASP A 51 -9.42 4.92 11.25
CA ASP A 51 -8.53 3.83 11.63
C ASP A 51 -7.83 3.19 10.44
N ALA A 52 -7.87 3.83 9.28
CA ALA A 52 -7.34 3.22 8.08
C ALA A 52 -5.82 3.12 8.15
N ASP A 53 -5.23 2.23 7.35
CA ASP A 53 -3.77 2.08 7.34
C ASP A 53 -3.06 3.28 6.69
N VAL A 54 -3.68 3.90 5.68
CA VAL A 54 -3.12 5.02 4.94
C VAL A 54 -4.19 6.13 4.98
N LYS A 55 -3.79 7.34 5.36
CA LYS A 55 -4.73 8.47 5.38
C LYS A 55 -4.15 9.64 4.59
N LEU A 56 -4.90 10.11 3.61
CA LEU A 56 -4.47 11.18 2.73
C LEU A 56 -5.49 12.29 2.76
N ASP A 57 -5.07 13.48 3.17
CA ASP A 57 -5.87 14.68 3.20
C ASP A 57 -5.62 15.45 1.91
N VAL A 58 -6.66 15.76 1.13
CA VAL A 58 -6.46 16.37 -0.18
C VAL A 58 -7.21 17.70 -0.27
N GLY A 59 -6.86 18.49 -1.29
CA GLY A 59 -7.51 19.80 -1.49
C GLY A 59 -7.37 20.76 -0.34
N ARG A 60 -6.22 20.76 0.35
CA ARG A 60 -6.07 21.56 1.58
C ARG A 60 -6.19 23.06 1.37
N ASP A 61 -5.73 23.58 0.23
CA ASP A 61 -5.90 25.02 0.02
C ASP A 61 -7.25 25.36 -0.57
N SER A 62 -7.80 24.49 -1.42
CA SER A 62 -9.10 24.75 -2.03
C SER A 62 -10.24 24.63 -1.02
N THR A 63 -10.13 23.75 -0.02
CA THR A 63 -11.20 23.55 0.95
C THR A 63 -10.84 24.03 2.34
N ARG A 64 -9.54 24.19 2.63
CA ARG A 64 -9.04 24.51 3.97
C ARG A 64 -9.61 23.56 5.02
N GLY A 65 -9.68 22.28 4.69
CA GLY A 65 -10.07 21.24 5.62
C GLY A 65 -11.53 21.17 6.01
N LEU A 66 -12.44 21.73 5.19
CA LEU A 66 -13.86 21.79 5.52
C LEU A 66 -14.74 21.04 4.49
N GLY A 67 -14.15 20.15 3.70
CA GLY A 67 -14.89 19.43 2.67
C GLY A 67 -15.09 20.26 1.42
N ALA A 68 -15.64 19.61 0.37
CA ALA A 68 -15.81 20.25 -0.94
C ALA A 68 -17.05 21.12 -1.04
N GLY A 69 -17.76 21.37 0.05
CA GLY A 69 -18.97 22.19 -0.03
C GLY A 69 -20.06 21.60 -0.90
N ALA A 70 -20.11 20.27 -1.02
CA ALA A 70 -21.04 19.55 -1.88
C ALA A 70 -20.80 19.80 -3.37
N ASP A 71 -19.65 20.38 -3.75
CA ASP A 71 -19.34 20.64 -5.17
C ASP A 71 -18.44 19.56 -5.75
N PRO A 72 -18.94 18.68 -6.63
CA PRO A 72 -18.08 17.57 -7.11
C PRO A 72 -16.85 18.03 -7.88
N GLU A 73 -16.93 19.20 -8.53
CA GLU A 73 -15.80 19.73 -9.27
C GLU A 73 -14.66 20.07 -8.33
N VAL A 74 -14.99 20.60 -7.15
CA VAL A 74 -13.97 20.80 -6.13
C VAL A 74 -13.32 19.46 -5.76
N GLY A 75 -14.15 18.44 -5.50
CA GLY A 75 -13.58 17.13 -5.16
C GLY A 75 -12.77 16.51 -6.29
N ARG A 76 -13.24 16.62 -7.52
CA ARG A 76 -12.46 16.11 -8.64
C ARG A 76 -11.08 16.77 -8.70
N LYS A 77 -11.02 18.09 -8.55
CA LYS A 77 -9.74 18.78 -8.67
C LYS A 77 -8.79 18.43 -7.52
N ALA A 78 -9.34 18.23 -6.33
CA ALA A 78 -8.48 17.87 -5.20
C ALA A 78 -7.83 16.51 -5.44
N ALA A 79 -8.62 15.54 -5.90
CA ALA A 79 -8.07 14.24 -6.22
C ALA A 79 -7.06 14.32 -7.35
N GLU A 80 -7.41 15.00 -8.45
CA GLU A 80 -6.49 15.08 -9.60
C GLU A 80 -5.22 15.77 -9.20
N ASP A 81 -5.31 16.89 -8.46
CA ASP A 81 -4.11 17.54 -7.95
C ASP A 81 -3.20 16.57 -7.21
N ALA A 82 -3.76 15.54 -6.57
CA ALA A 82 -2.96 14.59 -5.80
C ALA A 82 -2.79 13.25 -6.52
N LYS A 83 -2.93 13.25 -7.87
CA LYS A 83 -2.91 12.01 -8.66
C LYS A 83 -1.61 11.22 -8.48
N ASP A 84 -0.45 11.88 -8.66
CA ASP A 84 0.83 11.18 -8.53
C ASP A 84 0.97 10.57 -7.16
N GLU A 85 0.50 11.28 -6.15
CA GLU A 85 0.57 10.77 -4.79
C GLU A 85 -0.34 9.57 -4.55
N ILE A 86 -1.59 9.66 -5.03
CA ILE A 86 -2.50 8.52 -4.92
C ILE A 86 -1.95 7.30 -5.68
N GLU A 87 -1.37 7.54 -6.87
CA GLU A 87 -0.83 6.44 -7.66
C GLU A 87 0.28 5.73 -6.90
N GLU A 88 1.08 6.49 -6.17
CA GLU A 88 2.18 5.86 -5.45
C GLU A 88 1.68 5.07 -4.25
N LEU A 89 0.55 5.47 -3.67
CA LEU A 89 -0.10 4.65 -2.66
C LEU A 89 -0.71 3.37 -3.23
N LEU A 90 -1.24 3.41 -4.46
CA LEU A 90 -1.89 2.22 -4.99
C LEU A 90 -0.92 1.24 -5.65
N ARG A 91 0.23 1.73 -6.13
CA ARG A 91 1.20 0.92 -6.88
C ARG A 91 1.41 -0.43 -6.21
N GLY A 92 1.27 -1.52 -6.97
CA GLY A 92 1.49 -2.82 -6.40
C GLY A 92 0.23 -3.59 -6.05
N ALA A 93 -0.93 -2.93 -6.06
CA ALA A 93 -2.20 -3.61 -5.79
C ALA A 93 -2.61 -4.50 -6.96
N ASP A 94 -3.09 -5.72 -6.66
CA ASP A 94 -3.73 -6.50 -7.72
C ASP A 94 -5.21 -6.14 -7.87
N MET A 95 -5.83 -5.69 -6.80
CA MET A 95 -7.26 -5.39 -6.80
C MET A 95 -7.49 -4.11 -5.99
N VAL A 96 -8.31 -3.19 -6.49
CA VAL A 96 -8.62 -1.97 -5.72
C VAL A 96 -10.13 -1.80 -5.64
N PHE A 97 -10.68 -1.60 -4.43
CA PHE A 97 -12.06 -1.17 -4.22
C PHE A 97 -12.07 0.33 -4.01
N VAL A 98 -13.02 1.03 -4.64
CA VAL A 98 -13.24 2.45 -4.37
C VAL A 98 -14.68 2.61 -3.86
N THR A 99 -14.83 3.05 -2.61
CA THR A 99 -16.13 3.12 -1.96
C THR A 99 -16.40 4.56 -1.51
N ALA A 100 -17.67 4.98 -1.60
CA ALA A 100 -18.07 6.33 -1.28
C ALA A 100 -19.59 6.39 -1.19
N GLY A 101 -20.09 7.40 -0.48
CA GLY A 101 -21.47 7.80 -0.64
C GLY A 101 -21.58 8.83 -1.74
N GLU A 102 -22.26 8.52 -2.84
CA GLU A 102 -22.37 9.54 -3.89
C GLU A 102 -23.32 10.65 -3.44
N GLY A 103 -23.13 11.85 -3.99
CA GLY A 103 -24.02 12.98 -3.78
C GLY A 103 -23.35 14.23 -3.21
N GLY A 104 -22.23 14.06 -2.48
CA GLY A 104 -21.46 15.18 -2.00
C GLY A 104 -20.37 15.59 -2.99
N GLY A 105 -19.46 16.47 -2.54
CA GLY A 105 -18.40 16.96 -3.42
C GLY A 105 -17.17 16.05 -3.51
N THR A 106 -16.71 15.54 -2.37
CA THR A 106 -15.42 14.85 -2.33
C THR A 106 -15.52 13.44 -2.93
N GLY A 107 -16.47 12.66 -2.45
CA GLY A 107 -16.64 11.32 -2.99
C GLY A 107 -17.10 11.31 -4.44
N THR A 108 -18.16 12.09 -4.74
CA THR A 108 -18.69 12.13 -6.10
C THR A 108 -17.59 12.49 -7.12
N GLY A 109 -16.86 13.57 -6.87
CA GLY A 109 -15.89 14.01 -7.86
C GLY A 109 -14.58 13.25 -7.79
N GLY A 110 -14.20 12.79 -6.62
CA GLY A 110 -12.89 12.16 -6.47
C GLY A 110 -12.86 10.67 -6.76
N ALA A 111 -13.95 9.96 -6.50
CA ALA A 111 -13.93 8.51 -6.74
C ALA A 111 -13.51 8.12 -8.16
N PRO A 112 -13.99 8.76 -9.24
CA PRO A 112 -13.58 8.34 -10.58
C PRO A 112 -12.09 8.53 -10.83
N VAL A 113 -11.48 9.53 -10.19
CA VAL A 113 -10.04 9.74 -10.30
C VAL A 113 -9.27 8.59 -9.68
N VAL A 114 -9.63 8.22 -8.44
CA VAL A 114 -9.01 7.07 -7.80
C VAL A 114 -9.15 5.81 -8.67
N ALA A 115 -10.36 5.55 -9.15
CA ALA A 115 -10.57 4.33 -9.92
C ALA A 115 -9.79 4.36 -11.24
N SER A 116 -9.78 5.51 -11.93
CA SER A 116 -9.00 5.61 -13.16
CA SER A 116 -9.00 5.61 -13.16
C SER A 116 -7.52 5.31 -12.90
N ILE A 117 -6.96 5.80 -11.80
CA ILE A 117 -5.57 5.52 -11.52
C ILE A 117 -5.37 4.01 -11.34
N ALA A 118 -6.20 3.40 -10.51
CA ALA A 118 -6.09 1.97 -10.27
C ALA A 118 -6.26 1.17 -11.56
N ARG A 119 -7.18 1.59 -12.44
CA ARG A 119 -7.39 0.88 -13.70
C ARG A 119 -6.20 1.05 -14.63
N LYS A 120 -5.68 2.28 -14.76
CA LYS A 120 -4.48 2.52 -15.54
C LYS A 120 -3.31 1.63 -15.09
N LEU A 121 -3.13 1.46 -13.78
CA LEU A 121 -2.17 0.52 -13.25
C LEU A 121 -2.49 -0.94 -13.59
N GLY A 122 -3.71 -1.25 -14.04
CA GLY A 122 -4.08 -2.62 -14.33
C GLY A 122 -4.65 -3.42 -13.15
N ALA A 123 -4.83 -2.81 -11.99
CA ALA A 123 -5.51 -3.52 -10.89
C ALA A 123 -6.96 -3.77 -11.28
N LEU A 124 -7.48 -4.94 -10.91
CA LEU A 124 -8.93 -5.15 -11.00
C LEU A 124 -9.61 -4.09 -10.13
N THR A 125 -10.50 -3.29 -10.73
CA THR A 125 -10.97 -2.08 -10.06
C THR A 125 -12.47 -2.18 -9.83
N VAL A 126 -12.89 -2.22 -8.55
CA VAL A 126 -14.31 -2.42 -8.22
C VAL A 126 -14.84 -1.21 -7.44
N GLY A 127 -15.83 -0.50 -8.00
CA GLY A 127 -16.50 0.54 -7.24
C GLY A 127 -17.66 -0.04 -6.45
N VAL A 128 -17.84 0.45 -5.22
CA VAL A 128 -18.97 0.09 -4.38
C VAL A 128 -19.48 1.38 -3.76
N VAL A 129 -20.60 1.90 -4.26
CA VAL A 129 -21.10 3.22 -3.85
C VAL A 129 -22.61 3.20 -3.58
N THR A 130 -23.07 4.18 -2.80
CA THR A 130 -24.49 4.40 -2.56
C THR A 130 -25.02 5.59 -3.35
N ARG A 131 -26.34 5.51 -3.73
CA ARG A 131 -27.16 6.66 -4.07
C ARG A 131 -27.72 7.26 -2.79
N PRO A 132 -27.84 8.59 -2.72
CA PRO A 132 -28.41 9.23 -1.52
C PRO A 132 -29.89 8.95 -1.39
N PHE A 133 -30.38 9.01 -0.14
CA PHE A 133 -31.82 8.94 0.11
C PHE A 133 -32.52 10.09 -0.60
N SER A 134 -33.75 9.85 -1.07
CA SER A 134 -34.46 10.90 -1.77
C SER A 134 -34.71 12.12 -0.87
N PHE A 135 -34.91 11.91 0.42
CA PHE A 135 -35.14 13.08 1.28
C PHE A 135 -33.92 14.01 1.37
N GLU A 136 -32.73 13.58 0.90
CA GLU A 136 -31.57 14.47 0.88
C GLU A 136 -31.68 15.55 -0.19
N GLY A 137 -32.64 15.46 -1.10
CA GLY A 137 -32.83 16.58 -2.01
C GLY A 137 -32.35 16.26 -3.43
N LYS A 138 -32.89 17.04 -4.39
CA LYS A 138 -32.69 16.71 -5.80
C LYS A 138 -31.26 16.99 -6.28
N ARG A 139 -30.61 18.04 -5.76
CA ARG A 139 -29.23 18.33 -6.15
C ARG A 139 -28.31 17.15 -5.82
N ARG A 140 -28.46 16.58 -4.63
CA ARG A 140 -27.58 15.46 -4.28
C ARG A 140 -27.89 14.26 -5.17
N SER A 141 -29.16 14.08 -5.50
CA SER A 141 -29.54 12.98 -6.39
CA SER A 141 -29.54 12.98 -6.38
C SER A 141 -28.93 13.16 -7.78
N ASN A 142 -29.03 14.37 -8.33
CA ASN A 142 -28.45 14.63 -9.65
C ASN A 142 -26.94 14.48 -9.62
N GLN A 143 -26.30 15.04 -8.59
CA GLN A 143 -24.85 14.97 -8.50
C GLN A 143 -24.41 13.52 -8.44
N ALA A 144 -25.16 12.69 -7.71
CA ALA A 144 -24.78 11.30 -7.57
C ALA A 144 -24.94 10.59 -8.91
N GLU A 145 -26.03 10.87 -9.61
CA GLU A 145 -26.23 10.32 -10.94
C GLU A 145 -25.03 10.58 -11.83
N ASN A 146 -24.61 11.85 -11.91
CA ASN A 146 -23.44 12.19 -12.72
C ASN A 146 -22.18 11.48 -12.20
N GLY A 147 -22.01 11.40 -10.87
CA GLY A 147 -20.81 10.77 -10.35
C GLY A 147 -20.76 9.28 -10.65
N ILE A 148 -21.92 8.64 -10.64
CA ILE A 148 -22.02 7.22 -10.93
C ILE A 148 -21.68 6.95 -12.40
N ALA A 149 -22.19 7.80 -13.30
CA ALA A 149 -21.83 7.67 -14.71
C ALA A 149 -20.33 7.79 -14.90
N ALA A 150 -19.71 8.79 -14.27
CA ALA A 150 -18.27 8.96 -14.41
C ALA A 150 -17.52 7.78 -13.83
N LEU A 151 -17.95 7.30 -12.67
CA LEU A 151 -17.27 6.20 -12.00
C LEU A 151 -17.40 4.91 -12.82
N ARG A 152 -18.54 4.71 -13.46
CA ARG A 152 -18.78 3.48 -14.21
C ARG A 152 -17.75 3.35 -15.33
N GLU A 153 -17.37 4.49 -15.92
CA GLU A 153 -16.41 4.41 -17.01
CA GLU A 153 -16.38 4.56 -16.99
C GLU A 153 -15.01 4.08 -16.52
N SER A 154 -14.71 4.27 -15.22
CA SER A 154 -13.38 4.02 -14.68
C SER A 154 -13.23 2.67 -13.98
N CYS A 155 -14.32 1.95 -13.73
CA CYS A 155 -14.29 0.70 -12.97
C CYS A 155 -14.40 -0.48 -13.91
N ASP A 156 -13.80 -1.59 -13.50
CA ASP A 156 -14.15 -2.88 -14.11
C ASP A 156 -15.61 -3.23 -13.81
N THR A 157 -15.96 -3.21 -12.53
CA THR A 157 -17.34 -3.41 -12.09
C THR A 157 -17.71 -2.28 -11.15
N LEU A 158 -18.92 -1.74 -11.29
CA LEU A 158 -19.41 -0.73 -10.35
C LEU A 158 -20.70 -1.25 -9.73
N ILE A 159 -20.65 -1.49 -8.43
CA ILE A 159 -21.81 -1.89 -7.64
C ILE A 159 -22.47 -0.64 -7.05
N VAL A 160 -23.76 -0.45 -7.36
CA VAL A 160 -24.53 0.70 -6.91
C VAL A 160 -25.64 0.23 -5.97
N ILE A 161 -25.66 0.75 -4.76
CA ILE A 161 -26.61 0.44 -3.70
C ILE A 161 -27.50 1.67 -3.49
N PRO A 162 -28.80 1.61 -3.80
CA PRO A 162 -29.69 2.75 -3.50
C PRO A 162 -30.09 2.74 -2.04
N ASN A 163 -29.73 3.82 -1.33
CA ASN A 163 -30.07 3.94 0.08
C ASN A 163 -31.58 3.85 0.30
N ASP A 164 -32.38 4.31 -0.68
CA ASP A 164 -33.83 4.19 -0.52
C ASP A 164 -34.23 2.74 -0.30
N ARG A 165 -33.58 1.80 -1.00
CA ARG A 165 -33.96 0.40 -0.82
C ARG A 165 -33.62 -0.11 0.58
N LEU A 166 -32.60 0.46 1.22
CA LEU A 166 -32.25 0.08 2.59
C LEU A 166 -33.41 0.31 3.55
N LEU A 167 -34.24 1.32 3.30
CA LEU A 167 -35.36 1.61 4.20
C LEU A 167 -36.44 0.53 4.16
N GLN A 168 -36.49 -0.28 3.10
CA GLN A 168 -37.40 -1.42 3.04
C GLN A 168 -36.78 -2.70 3.58
N MET A 169 -35.76 -2.59 4.41
CA MET A 169 -35.04 -3.76 4.89
C MET A 169 -34.82 -3.63 6.38
N GLY A 170 -34.76 -4.77 7.04
CA GLY A 170 -34.50 -4.74 8.46
C GLY A 170 -35.60 -3.98 9.19
N ASP A 171 -35.29 -3.65 10.43
CA ASP A 171 -36.26 -2.90 11.22
C ASP A 171 -36.27 -1.44 10.79
N ALA A 172 -37.41 -0.79 11.05
CA ALA A 172 -37.58 0.63 10.78
C ALA A 172 -36.49 1.43 11.46
N ALA A 173 -35.63 2.08 10.67
CA ALA A 173 -34.49 2.83 11.21
C ALA A 173 -34.93 3.94 12.17
N VAL A 174 -34.62 3.75 13.44
CA VAL A 174 -34.64 4.90 14.33
C VAL A 174 -33.48 5.80 13.91
N SER A 175 -33.81 6.95 13.36
CA SER A 175 -32.87 8.03 13.18
C SER A 175 -32.04 7.96 11.90
N LEU A 176 -31.72 9.17 11.47
CA LEU A 176 -30.77 9.39 10.40
C LEU A 176 -29.47 8.67 10.66
N MET A 177 -28.95 8.75 11.90
CA MET A 177 -27.68 8.12 12.22
C MET A 177 -27.74 6.62 11.99
N ASP A 178 -28.85 5.97 12.34
CA ASP A 178 -28.88 4.54 12.18
C ASP A 178 -28.98 4.16 10.72
N ALA A 179 -29.69 4.96 9.95
CA ALA A 179 -29.80 4.69 8.51
C ALA A 179 -28.43 4.74 7.86
N PHE A 180 -27.60 5.73 8.23
CA PHE A 180 -26.28 5.81 7.59
C PHE A 180 -25.36 4.68 8.06
N ARG A 181 -25.54 4.23 9.31
CA ARG A 181 -24.85 3.03 9.78
C ARG A 181 -25.25 1.82 8.96
N SER A 182 -26.54 1.76 8.56
CA SER A 182 -26.97 0.72 7.65
C SER A 182 -26.31 0.85 6.29
N ALA A 183 -26.07 2.07 5.83
CA ALA A 183 -25.34 2.24 4.58
C ALA A 183 -23.89 1.76 4.73
N ASP A 184 -23.23 2.13 5.84
CA ASP A 184 -21.89 1.59 6.11
C ASP A 184 -21.89 0.07 6.03
N GLU A 185 -22.88 -0.57 6.65
CA GLU A 185 -22.86 -2.02 6.72
C GLU A 185 -23.01 -2.65 5.34
N VAL A 186 -23.89 -2.11 4.50
CA VAL A 186 -24.06 -2.71 3.18
CA VAL A 186 -24.06 -2.72 3.18
C VAL A 186 -22.83 -2.48 2.30
N LEU A 187 -22.11 -1.35 2.49
CA LEU A 187 -20.88 -1.19 1.70
C LEU A 187 -19.83 -2.20 2.14
N LEU A 188 -19.73 -2.43 3.45
CA LEU A 188 -18.89 -3.52 3.97
C LEU A 188 -19.31 -4.87 3.37
N ASN A 189 -20.62 -5.20 3.40
CA ASN A 189 -21.07 -6.50 2.87
C ASN A 189 -20.68 -6.67 1.41
N GLY A 190 -20.75 -5.60 0.63
CA GLY A 190 -20.36 -5.70 -0.77
C GLY A 190 -18.86 -5.97 -0.95
N VAL A 191 -18.01 -5.31 -0.17
CA VAL A 191 -16.56 -5.54 -0.25
C VAL A 191 -16.23 -6.94 0.26
N GLN A 192 -16.66 -7.24 1.48
CA GLN A 192 -16.32 -8.50 2.15
C GLN A 192 -16.91 -9.71 1.43
N GLY A 193 -18.12 -9.58 0.87
CA GLY A 193 -18.70 -10.68 0.13
C GLY A 193 -17.84 -11.16 -1.01
N ILE A 194 -17.00 -10.28 -1.55
CA ILE A 194 -16.05 -10.64 -2.60
C ILE A 194 -14.67 -10.98 -2.03
N THR A 195 -14.10 -10.11 -1.18
CA THR A 195 -12.70 -10.32 -0.77
C THR A 195 -12.53 -11.58 0.10
N ASP A 196 -13.51 -11.90 0.92
CA ASP A 196 -13.35 -13.11 1.73
C ASP A 196 -13.25 -14.38 0.90
N LEU A 197 -13.75 -14.38 -0.35
CA LEU A 197 -13.55 -15.55 -1.20
C LEU A 197 -12.07 -15.79 -1.47
N ILE A 198 -11.34 -14.69 -1.67
CA ILE A 198 -9.92 -14.71 -1.94
C ILE A 198 -9.12 -14.92 -0.65
N THR A 199 -9.49 -14.23 0.42
CA THR A 199 -8.64 -14.25 1.61
C THR A 199 -8.90 -15.40 2.55
N THR A 200 -10.15 -15.94 2.57
CA THR A 200 -10.46 -16.96 3.58
C THR A 200 -11.41 -18.01 2.99
N PRO A 201 -11.01 -18.73 1.92
CA PRO A 201 -11.94 -19.64 1.24
C PRO A 201 -12.35 -20.82 2.10
N GLY A 202 -13.53 -21.36 1.80
CA GLY A 202 -14.05 -22.62 2.32
C GLY A 202 -13.81 -23.80 1.37
N LEU A 203 -14.69 -24.80 1.43
CA LEU A 203 -14.54 -26.02 0.63
C LEU A 203 -14.48 -25.72 -0.86
N ILE A 204 -15.25 -24.73 -1.33
CA ILE A 204 -15.34 -24.38 -2.76
C ILE A 204 -14.54 -23.10 -2.91
N ASN A 205 -13.32 -23.24 -3.44
CA ASN A 205 -12.33 -22.17 -3.46
C ASN A 205 -12.49 -21.37 -4.75
N VAL A 206 -12.77 -20.08 -4.61
CA VAL A 206 -12.89 -19.16 -5.73
C VAL A 206 -11.78 -18.15 -5.55
N ASP A 207 -10.74 -18.21 -6.40
CA ASP A 207 -9.56 -17.43 -6.10
C ASP A 207 -9.50 -16.14 -6.92
N PHE A 208 -8.41 -15.37 -6.71
CA PHE A 208 -8.30 -14.07 -7.36
C PHE A 208 -8.45 -14.19 -8.86
N ALA A 209 -7.85 -15.23 -9.45
CA ALA A 209 -8.00 -15.43 -10.88
C ALA A 209 -9.46 -15.62 -11.27
N ASP A 210 -10.24 -16.38 -10.47
CA ASP A 210 -11.66 -16.57 -10.80
C ASP A 210 -12.43 -15.26 -10.71
N VAL A 211 -12.14 -14.45 -9.69
CA VAL A 211 -12.88 -13.19 -9.48
C VAL A 211 -12.56 -12.20 -10.59
N LYS A 212 -11.28 -12.11 -10.96
CA LYS A 212 -10.87 -11.27 -12.09
C LYS A 212 -11.61 -11.71 -13.36
N GLY A 213 -11.75 -13.02 -13.56
CA GLY A 213 -12.35 -13.50 -14.79
C GLY A 213 -13.77 -13.00 -14.97
N ILE A 214 -14.55 -13.01 -13.90
CA ILE A 214 -15.95 -12.62 -14.01
C ILE A 214 -16.16 -11.11 -13.76
N MET A 215 -15.30 -10.45 -12.97
CA MET A 215 -15.52 -9.01 -12.72
C MET A 215 -14.79 -8.08 -13.70
N SER A 216 -13.76 -8.52 -14.43
CA SER A 216 -13.10 -7.60 -15.35
C SER A 216 -14.07 -7.12 -16.44
N GLY A 217 -14.11 -5.81 -16.66
CA GLY A 217 -15.02 -5.24 -17.66
C GLY A 217 -16.48 -5.63 -17.57
N ALA A 218 -16.95 -6.03 -16.38
CA ALA A 218 -18.33 -6.47 -16.26
C ALA A 218 -19.31 -5.30 -16.29
N GLY A 219 -18.91 -4.11 -15.87
CA GLY A 219 -19.81 -2.97 -16.00
C GLY A 219 -20.68 -2.78 -14.76
N THR A 220 -21.91 -2.34 -14.94
CA THR A 220 -22.70 -1.99 -13.77
CA THR A 220 -22.76 -1.99 -13.82
C THR A 220 -23.27 -3.26 -13.12
N ALA A 221 -23.36 -3.23 -11.78
CA ALA A 221 -23.74 -4.43 -11.03
C ALA A 221 -24.64 -4.08 -9.86
N LEU A 222 -25.37 -5.07 -9.38
CA LEU A 222 -26.22 -4.94 -8.20
C LEU A 222 -25.86 -6.06 -7.25
N MET A 223 -26.21 -5.85 -5.96
CA MET A 223 -25.90 -6.82 -4.92
CA MET A 223 -25.90 -6.81 -4.91
C MET A 223 -27.16 -7.19 -4.13
N GLY A 224 -27.18 -8.41 -3.64
CA GLY A 224 -28.20 -8.85 -2.70
C GLY A 224 -27.55 -9.63 -1.57
N ILE A 225 -28.13 -9.52 -0.37
CA ILE A 225 -27.57 -10.16 0.81
CA ILE A 225 -27.59 -10.05 0.87
C ILE A 225 -28.68 -10.83 1.59
N GLY A 226 -28.31 -11.96 2.21
CA GLY A 226 -29.25 -12.72 3.01
C GLY A 226 -28.49 -13.52 4.04
N SER A 227 -29.12 -13.72 5.20
CA SER A 227 -28.53 -14.60 6.19
C SER A 227 -29.64 -15.29 6.95
N ALA A 228 -29.31 -16.43 7.53
CA ALA A 228 -30.25 -17.23 8.29
C ALA A 228 -29.47 -18.14 9.21
N ARG A 229 -30.20 -18.75 10.14
CA ARG A 229 -29.60 -19.60 11.17
C ARG A 229 -30.37 -20.89 11.23
N GLY A 230 -29.70 -21.93 11.72
CA GLY A 230 -30.43 -23.15 12.04
C GLY A 230 -30.87 -23.97 10.83
N GLU A 231 -31.85 -24.83 11.08
CA GLU A 231 -32.28 -25.77 10.04
C GLU A 231 -32.72 -25.02 8.80
N GLY A 232 -32.23 -25.45 7.63
CA GLY A 232 -32.60 -24.84 6.37
C GLY A 232 -32.01 -23.47 6.10
N ARG A 233 -30.97 -23.11 6.81
CA ARG A 233 -30.45 -21.75 6.75
C ARG A 233 -29.92 -21.42 5.34
N SER A 234 -29.27 -22.38 4.66
CA SER A 234 -28.61 -22.02 3.41
C SER A 234 -29.63 -21.73 2.35
N LEU A 235 -30.67 -22.57 2.25
CA LEU A 235 -31.78 -22.28 1.34
C LEU A 235 -32.45 -20.97 1.71
N LYS A 236 -32.64 -20.72 3.01
CA LYS A 236 -33.30 -19.49 3.42
C LYS A 236 -32.43 -18.27 3.09
N ALA A 237 -31.15 -18.30 3.45
CA ALA A 237 -30.31 -17.13 3.20
C ALA A 237 -30.19 -16.85 1.70
N ALA A 238 -30.10 -17.90 0.88
CA ALA A 238 -29.98 -17.66 -0.55
C ALA A 238 -31.25 -17.06 -1.12
N GLU A 239 -32.41 -17.52 -0.66
CA GLU A 239 -33.65 -16.96 -1.18
C GLU A 239 -33.81 -15.49 -0.77
N ILE A 240 -33.39 -15.15 0.44
CA ILE A 240 -33.44 -13.74 0.85
C ILE A 240 -32.53 -12.89 -0.04
N ALA A 241 -31.31 -13.38 -0.28
CA ALA A 241 -30.36 -12.63 -1.13
C ALA A 241 -30.91 -12.40 -2.53
N ILE A 242 -31.46 -13.44 -3.17
CA ILE A 242 -31.87 -13.22 -4.56
C ILE A 242 -33.16 -12.40 -4.67
N ASN A 243 -33.94 -12.31 -3.59
CA ASN A 243 -35.09 -11.42 -3.55
C ASN A 243 -34.77 -10.05 -2.94
N SER A 244 -33.52 -9.79 -2.60
CA SER A 244 -33.15 -8.58 -1.87
C SER A 244 -33.71 -7.34 -2.59
N PRO A 245 -34.31 -6.39 -1.88
CA PRO A 245 -34.65 -5.11 -2.52
C PRO A 245 -33.46 -4.48 -3.27
N LEU A 246 -32.24 -4.67 -2.77
CA LEU A 246 -31.09 -4.06 -3.46
C LEU A 246 -30.88 -4.59 -4.85
N LEU A 247 -31.35 -5.79 -5.15
CA LEU A 247 -31.13 -6.37 -6.46
C LEU A 247 -32.15 -5.91 -7.48
N GLU A 248 -33.10 -5.06 -7.07
CA GLU A 248 -34.10 -4.46 -7.95
C GLU A 248 -34.80 -5.52 -8.81
N ALA A 249 -34.97 -6.72 -8.26
CA ALA A 249 -35.62 -7.82 -8.96
C ALA A 249 -34.98 -8.05 -10.33
N SER A 250 -33.65 -8.02 -10.39
CA SER A 250 -32.96 -8.15 -11.66
CA SER A 250 -32.91 -8.12 -11.63
C SER A 250 -32.17 -9.44 -11.78
N MET A 251 -32.28 -10.36 -10.81
CA MET A 251 -31.57 -11.63 -10.88
C MET A 251 -31.89 -12.38 -12.17
N GLU A 252 -33.16 -12.35 -12.58
CA GLU A 252 -33.55 -13.06 -13.81
C GLU A 252 -32.81 -12.54 -15.02
N GLY A 253 -32.47 -11.25 -15.04
CA GLY A 253 -31.84 -10.66 -16.20
C GLY A 253 -30.33 -10.79 -16.24
N ALA A 254 -29.70 -11.15 -15.13
CA ALA A 254 -28.24 -11.07 -15.05
C ALA A 254 -27.55 -12.21 -15.81
N GLN A 255 -26.56 -11.85 -16.60
CA GLN A 255 -25.79 -12.82 -17.34
C GLN A 255 -24.46 -13.17 -16.67
N GLY A 256 -24.02 -12.35 -15.71
CA GLY A 256 -22.85 -12.66 -14.88
C GLY A 256 -23.21 -12.60 -13.41
N VAL A 257 -23.05 -13.70 -12.66
CA VAL A 257 -23.40 -13.70 -11.24
C VAL A 257 -22.24 -14.32 -10.44
N LEU A 258 -21.79 -13.61 -9.40
CA LEU A 258 -20.87 -14.18 -8.42
C LEU A 258 -21.63 -14.34 -7.12
N MET A 259 -21.59 -15.55 -6.55
CA MET A 259 -22.24 -15.78 -5.26
C MET A 259 -21.27 -16.34 -4.23
N SER A 260 -21.26 -15.77 -3.02
CA SER A 260 -20.47 -16.34 -1.94
C SER A 260 -21.37 -16.72 -0.78
N ILE A 261 -21.10 -17.88 -0.17
CA ILE A 261 -21.78 -18.26 1.06
C ILE A 261 -20.73 -18.43 2.14
N ALA A 262 -20.93 -17.74 3.26
CA ALA A 262 -20.01 -17.76 4.39
C ALA A 262 -20.66 -18.53 5.53
N GLY A 263 -19.85 -19.31 6.22
CA GLY A 263 -20.36 -20.15 7.30
C GLY A 263 -19.16 -20.57 8.08
N GLY A 264 -19.41 -21.28 9.18
CA GLY A 264 -18.33 -21.80 9.99
C GLY A 264 -17.55 -22.88 9.27
N SER A 265 -16.54 -23.40 9.96
CA SER A 265 -15.66 -24.34 9.29
C SER A 265 -16.35 -25.66 8.99
N ASP A 266 -17.53 -25.86 9.55
CA ASP A 266 -18.34 -27.04 9.37
C ASP A 266 -19.46 -26.85 8.33
N LEU A 267 -19.45 -25.74 7.59
CA LEU A 267 -20.34 -25.60 6.44
C LEU A 267 -20.00 -26.67 5.42
N GLY A 268 -21.00 -27.51 5.09
CA GLY A 268 -20.79 -28.69 4.30
C GLY A 268 -21.37 -28.59 2.89
N LEU A 269 -20.91 -29.51 2.05
CA LEU A 269 -21.19 -29.42 0.61
C LEU A 269 -22.68 -29.53 0.34
N PHE A 270 -23.37 -30.37 1.11
CA PHE A 270 -24.81 -30.52 0.87
C PHE A 270 -25.49 -29.17 0.98
N GLU A 271 -25.20 -28.45 2.08
CA GLU A 271 -25.84 -27.15 2.31
C GLU A 271 -25.45 -26.18 1.22
N ILE A 272 -24.15 -26.14 0.93
CA ILE A 272 -23.64 -25.23 -0.10
C ILE A 272 -24.37 -25.49 -1.39
N ASN A 273 -24.50 -26.75 -1.72
CA ASN A 273 -25.12 -27.12 -2.97
C ASN A 273 -26.61 -26.79 -3.00
N GLU A 274 -27.32 -26.93 -1.87
CA GLU A 274 -28.72 -26.58 -1.86
CA GLU A 274 -28.73 -26.56 -1.79
C GLU A 274 -28.93 -25.11 -2.19
N ALA A 275 -28.09 -24.23 -1.65
CA ALA A 275 -28.19 -22.82 -1.98
C ALA A 275 -27.84 -22.54 -3.44
N ALA A 276 -26.81 -23.20 -3.97
CA ALA A 276 -26.41 -22.98 -5.36
C ALA A 276 -27.52 -23.42 -6.30
N SER A 277 -28.15 -24.54 -5.99
CA SER A 277 -29.22 -25.09 -6.81
C SER A 277 -30.38 -24.13 -6.86
N LEU A 278 -30.74 -23.56 -5.71
CA LEU A 278 -31.75 -22.51 -5.64
C LEU A 278 -31.39 -21.34 -6.55
N VAL A 279 -30.17 -20.82 -6.41
CA VAL A 279 -29.75 -19.66 -7.19
C VAL A 279 -29.71 -19.99 -8.69
N GLN A 280 -29.22 -21.18 -9.06
CA GLN A 280 -29.23 -21.57 -10.47
C GLN A 280 -30.63 -21.46 -11.06
N ASP A 281 -31.66 -21.89 -10.30
CA ASP A 281 -33.02 -21.98 -10.84
C ASP A 281 -33.66 -20.61 -11.04
N ALA A 282 -33.26 -19.61 -10.26
CA ALA A 282 -33.75 -18.25 -10.40
C ALA A 282 -32.95 -17.41 -11.39
N ALA A 283 -31.85 -17.94 -11.92
CA ALA A 283 -30.99 -17.16 -12.79
C ALA A 283 -31.44 -17.23 -14.25
N HIS A 284 -30.95 -16.28 -15.03
CA HIS A 284 -31.10 -16.31 -16.48
C HIS A 284 -30.62 -17.65 -17.03
N PRO A 285 -31.32 -18.24 -18.01
CA PRO A 285 -30.90 -19.54 -18.52
C PRO A 285 -29.49 -19.57 -19.08
N ASP A 286 -28.98 -18.44 -19.59
CA ASP A 286 -27.60 -18.39 -20.08
C ASP A 286 -26.62 -17.80 -19.07
N ALA A 287 -27.02 -17.57 -17.81
CA ALA A 287 -26.12 -16.90 -16.89
C ALA A 287 -24.86 -17.72 -16.64
N ASN A 288 -23.71 -17.04 -16.60
CA ASN A 288 -22.48 -17.57 -16.00
C ASN A 288 -22.53 -17.27 -14.51
N ILE A 289 -22.56 -18.31 -13.68
CA ILE A 289 -22.66 -18.18 -12.21
C ILE A 289 -21.46 -18.88 -11.60
N ILE A 290 -20.68 -18.14 -10.85
CA ILE A 290 -19.59 -18.69 -10.06
C ILE A 290 -20.03 -18.74 -8.60
N PHE A 291 -19.98 -19.94 -7.99
CA PHE A 291 -20.27 -20.16 -6.56
C PHE A 291 -18.97 -20.37 -5.80
N GLY A 292 -18.76 -19.60 -4.72
CA GLY A 292 -17.64 -19.80 -3.82
C GLY A 292 -18.08 -19.82 -2.38
N THR A 293 -17.22 -20.35 -1.51
CA THR A 293 -17.50 -20.37 -0.09
C THR A 293 -16.41 -19.63 0.68
N VAL A 294 -16.80 -19.22 1.89
CA VAL A 294 -15.98 -18.47 2.85
C VAL A 294 -16.01 -19.19 4.19
N ILE A 295 -14.84 -19.35 4.83
CA ILE A 295 -14.80 -19.76 6.24
C ILE A 295 -14.86 -18.52 7.11
N ASP A 296 -15.78 -18.51 8.04
CA ASP A 296 -15.84 -17.44 9.04
C ASP A 296 -16.33 -18.12 10.31
N ASP A 297 -15.39 -18.40 11.21
CA ASP A 297 -15.70 -19.17 12.41
C ASP A 297 -16.37 -18.35 13.49
N SER A 298 -16.65 -17.08 13.23
CA SER A 298 -17.37 -16.24 14.16
C SER A 298 -18.88 -16.31 13.99
N LEU A 299 -19.37 -17.01 12.96
CA LEU A 299 -20.76 -16.83 12.57
C LEU A 299 -21.75 -17.61 13.43
N GLY A 300 -21.32 -18.69 14.08
CA GLY A 300 -22.24 -19.45 14.92
C GLY A 300 -23.02 -20.46 14.11
N ASP A 301 -24.33 -20.46 14.27
CA ASP A 301 -25.18 -21.31 13.44
C ASP A 301 -25.71 -20.52 12.24
N GLU A 302 -25.08 -19.40 11.93
CA GLU A 302 -25.54 -18.50 10.89
C GLU A 302 -24.73 -18.69 9.60
N VAL A 303 -25.39 -18.54 8.45
CA VAL A 303 -24.67 -18.47 7.18
C VAL A 303 -25.07 -17.16 6.50
N ARG A 304 -24.17 -16.60 5.70
CA ARG A 304 -24.42 -15.35 4.99
C ARG A 304 -24.18 -15.55 3.49
N VAL A 305 -25.18 -15.23 2.68
CA VAL A 305 -25.08 -15.32 1.22
C VAL A 305 -24.96 -13.91 0.64
N THR A 306 -24.01 -13.71 -0.27
CA THR A 306 -23.92 -12.48 -1.03
C THR A 306 -23.99 -12.79 -2.52
N VAL A 307 -24.82 -12.06 -3.24
CA VAL A 307 -24.95 -12.26 -4.69
C VAL A 307 -24.55 -10.95 -5.36
N ILE A 308 -23.65 -11.02 -6.35
CA ILE A 308 -23.27 -9.89 -7.19
C ILE A 308 -23.73 -10.19 -8.61
N ALA A 309 -24.64 -9.36 -9.14
CA ALA A 309 -25.25 -9.58 -10.45
C ALA A 309 -24.83 -8.48 -11.43
N ALA A 310 -24.27 -8.88 -12.57
CA ALA A 310 -23.81 -7.95 -13.61
C ALA A 310 -24.29 -8.47 -14.97
N GLY A 311 -23.85 -7.80 -16.04
CA GLY A 311 -24.15 -8.23 -17.39
C GLY A 311 -25.64 -8.19 -17.73
N PHE A 312 -26.24 -7.01 -17.63
CA PHE A 312 -27.62 -6.84 -18.04
C PHE A 312 -27.62 -6.29 -19.48
N PRO B 4 29.96 15.11 17.75
CA PRO B 4 28.69 14.56 18.24
C PRO B 4 28.82 13.13 18.81
N HIS B 5 29.42 12.97 19.98
CA HIS B 5 29.75 11.64 20.51
C HIS B 5 28.55 10.99 21.21
N ASN B 6 28.39 9.68 20.98
CA ASN B 6 27.31 8.88 21.57
C ASN B 6 27.76 7.43 21.62
N TYR B 7 27.23 6.69 22.61
CA TYR B 7 27.48 5.26 22.69
C TYR B 7 26.30 4.43 22.24
N LEU B 8 25.09 4.93 22.43
CA LEU B 8 23.95 4.53 21.61
C LEU B 8 23.97 5.43 20.38
N ALA B 9 24.28 4.85 19.21
CA ALA B 9 24.25 5.64 17.99
C ALA B 9 22.84 6.15 17.75
N VAL B 10 22.71 7.46 17.57
CA VAL B 10 21.41 8.05 17.34
C VAL B 10 21.23 8.07 15.81
N ILE B 11 20.26 7.31 15.33
CA ILE B 11 20.02 7.22 13.88
C ILE B 11 18.64 7.78 13.63
N LYS B 12 18.57 8.78 12.75
CA LYS B 12 17.31 9.40 12.36
C LYS B 12 17.05 9.10 10.89
N VAL B 13 15.84 8.65 10.58
CA VAL B 13 15.45 8.29 9.21
C VAL B 13 14.37 9.28 8.76
N VAL B 14 14.67 10.08 7.74
CA VAL B 14 13.77 11.13 7.27
C VAL B 14 13.15 10.66 5.96
N GLY B 15 11.82 10.58 5.92
CA GLY B 15 11.09 10.47 4.67
C GLY B 15 10.45 11.82 4.35
N ILE B 16 10.66 12.30 3.14
CA ILE B 16 10.19 13.62 2.76
C ILE B 16 9.40 13.53 1.45
N GLY B 17 8.30 14.26 1.39
CA GLY B 17 7.38 14.15 0.28
C GLY B 17 6.55 12.88 0.38
N GLY B 18 5.58 12.76 -0.52
CA GLY B 18 4.63 11.68 -0.41
C GLY B 18 5.30 10.32 -0.47
N GLY B 19 6.22 10.14 -1.44
CA GLY B 19 6.92 8.85 -1.52
C GLY B 19 7.84 8.58 -0.32
N GLY B 20 8.41 9.61 0.28
CA GLY B 20 9.34 9.40 1.36
C GLY B 20 8.57 9.10 2.62
N VAL B 21 7.50 9.88 2.92
CA VAL B 21 6.65 9.57 4.06
C VAL B 21 6.05 8.16 3.90
N ASN B 22 5.66 7.80 2.68
CA ASN B 22 5.08 6.45 2.50
C ASN B 22 6.13 5.37 2.79
N ALA B 23 7.37 5.59 2.33
CA ALA B 23 8.47 4.68 2.65
C ALA B 23 8.66 4.53 4.15
N VAL B 24 8.62 5.66 4.87
CA VAL B 24 8.78 5.60 6.31
C VAL B 24 7.60 4.86 6.96
N ASN B 25 6.37 5.10 6.49
CA ASN B 25 5.23 4.35 7.04
C ASN B 25 5.41 2.84 6.85
N ARG B 26 5.99 2.43 5.70
CA ARG B 26 6.23 1.00 5.50
CA ARG B 26 6.26 1.00 5.48
C ARG B 26 7.28 0.47 6.48
N MET B 27 8.33 1.27 6.77
CA MET B 27 9.32 0.82 7.74
C MET B 27 8.73 0.65 9.13
N ILE B 28 7.88 1.60 9.53
CA ILE B 28 7.15 1.49 10.81
C ILE B 28 6.26 0.23 10.80
N GLU B 29 5.45 0.09 9.76
CA GLU B 29 4.58 -1.07 9.67
C GLU B 29 5.36 -2.38 9.68
N GLN B 30 6.56 -2.42 9.12
CA GLN B 30 7.33 -3.65 9.19
C GLN B 30 8.16 -3.77 10.48
N GLY B 31 8.11 -2.80 11.38
CA GLY B 31 8.85 -2.96 12.62
C GLY B 31 10.35 -2.73 12.56
N LEU B 32 10.84 -1.88 11.65
CA LEU B 32 12.24 -1.47 11.70
C LEU B 32 12.57 -0.86 13.05
N LYS B 33 13.56 -1.42 13.75
CA LYS B 33 13.83 -1.01 15.14
C LYS B 33 15.08 -0.14 15.25
N GLY B 34 15.18 0.55 16.38
CA GLY B 34 16.42 1.22 16.72
C GLY B 34 16.65 2.58 16.10
N VAL B 35 15.70 3.12 15.34
CA VAL B 35 15.92 4.39 14.65
C VAL B 35 14.79 5.32 14.99
N GLU B 36 15.01 6.63 14.79
CA GLU B 36 13.93 7.61 14.94
C GLU B 36 13.36 8.01 13.57
N PHE B 37 12.04 7.87 13.42
CA PHE B 37 11.38 8.20 12.15
C PHE B 37 10.87 9.64 12.16
N ILE B 38 11.15 10.35 11.07
CA ILE B 38 10.70 11.72 10.85
C ILE B 38 10.01 11.78 9.49
N ALA B 39 8.82 12.38 9.46
CA ALA B 39 8.01 12.46 8.25
C ALA B 39 7.86 13.93 7.90
N ILE B 40 8.37 14.34 6.76
CA ILE B 40 8.29 15.74 6.34
C ILE B 40 7.40 15.80 5.11
N ASN B 41 6.23 16.40 5.29
CA ASN B 41 5.32 16.67 4.19
C ASN B 41 5.72 17.96 3.49
N THR B 42 5.83 17.92 2.16
CA THR B 42 6.28 19.09 1.42
C THR B 42 5.21 19.74 0.56
N ASP B 43 4.03 19.14 0.43
CA ASP B 43 2.99 19.63 -0.47
C ASP B 43 1.99 20.50 0.30
N ALA B 44 1.64 21.64 -0.30
CA ALA B 44 0.62 22.50 0.30
C ALA B 44 -0.77 21.86 0.21
N GLN B 45 -1.11 21.24 -0.94
CA GLN B 45 -2.50 20.83 -1.19
C GLN B 45 -2.82 19.45 -0.66
N ALA B 46 -1.83 18.69 -0.20
CA ALA B 46 -2.15 17.37 0.30
C ALA B 46 -1.22 17.03 1.45
N LEU B 47 -1.68 16.14 2.30
CA LEU B 47 -0.88 15.68 3.42
C LEU B 47 -1.08 14.18 3.56
N LEU B 48 0.00 13.43 3.40
CA LEU B 48 -0.01 12.01 3.74
C LEU B 48 0.29 11.89 5.24
N MET B 49 -0.64 11.29 6.00
CA MET B 49 -0.44 11.19 7.44
C MET B 49 0.56 10.10 7.79
N SER B 50 1.10 10.17 8.99
CA SER B 50 2.14 9.22 9.32
C SER B 50 2.09 8.93 10.80
N ASP B 51 2.54 7.74 11.16
CA ASP B 51 2.74 7.40 12.56
C ASP B 51 4.17 7.65 13.02
N ALA B 52 4.97 8.38 12.25
CA ALA B 52 6.30 8.71 12.76
C ALA B 52 6.19 9.53 14.03
N ASP B 53 7.15 9.31 14.93
CA ASP B 53 7.10 10.03 16.20
CA ASP B 53 7.19 10.03 16.21
C ASP B 53 7.36 11.53 16.00
N VAL B 54 8.04 11.93 14.93
CA VAL B 54 8.29 13.34 14.63
C VAL B 54 7.77 13.62 13.24
N LYS B 55 7.01 14.71 13.10
CA LYS B 55 6.38 15.08 11.84
C LYS B 55 6.53 16.57 11.63
N LEU B 56 6.72 16.95 10.37
CA LEU B 56 6.82 18.37 10.04
C LEU B 56 6.15 18.60 8.70
N ASP B 57 5.24 19.54 8.67
CA ASP B 57 4.49 19.86 7.47
C ASP B 57 5.03 21.19 6.97
N VAL B 58 6.04 21.12 6.09
CA VAL B 58 6.57 22.38 5.59
C VAL B 58 5.77 22.91 4.41
N GLY B 59 4.77 22.15 3.95
CA GLY B 59 4.05 22.55 2.76
C GLY B 59 3.20 23.79 2.95
N ARG B 60 2.40 23.82 4.03
CA ARG B 60 1.40 24.87 4.24
C ARG B 60 1.92 26.28 3.97
N ASP B 61 2.14 26.60 2.69
CA ASP B 61 2.78 27.85 2.28
C ASP B 61 2.46 28.19 0.83
N ALA B 70 3.65 19.74 -8.21
CA ALA B 70 4.59 18.65 -7.95
C ALA B 70 5.98 18.99 -8.48
N ASP B 71 6.42 20.23 -8.21
CA ASP B 71 7.68 20.83 -8.66
C ASP B 71 8.79 20.59 -7.64
N PRO B 72 9.95 20.06 -8.05
CA PRO B 72 11.08 19.97 -7.11
C PRO B 72 11.48 21.32 -6.53
N GLU B 73 11.43 22.37 -7.35
CA GLU B 73 11.73 23.72 -6.89
C GLU B 73 10.84 24.13 -5.72
N VAL B 74 9.56 23.76 -5.78
CA VAL B 74 8.63 24.14 -4.71
C VAL B 74 9.02 23.44 -3.41
N GLY B 75 9.46 22.19 -3.50
CA GLY B 75 9.87 21.46 -2.31
C GLY B 75 11.15 22.00 -1.72
N ARG B 76 12.12 22.34 -2.58
CA ARG B 76 13.35 22.94 -2.10
C ARG B 76 13.09 24.21 -1.31
N LYS B 77 12.26 25.11 -1.85
CA LYS B 77 12.06 26.39 -1.15
C LYS B 77 11.25 26.20 0.13
N ALA B 78 10.29 25.28 0.11
CA ALA B 78 9.56 24.94 1.33
C ALA B 78 10.51 24.40 2.39
N ALA B 79 11.48 23.56 1.98
CA ALA B 79 12.42 23.02 2.95
C ALA B 79 13.36 24.10 3.45
N GLU B 80 13.90 24.92 2.54
CA GLU B 80 14.75 26.03 2.95
C GLU B 80 14.01 26.96 3.89
N ASP B 81 12.75 27.26 3.58
CA ASP B 81 11.97 28.15 4.43
C ASP B 81 11.90 27.62 5.86
N ALA B 82 12.02 26.32 6.06
CA ALA B 82 11.85 25.69 7.36
C ALA B 82 13.16 25.18 7.93
N LYS B 83 14.28 25.75 7.51
CA LYS B 83 15.60 25.21 7.81
C LYS B 83 15.88 25.15 9.31
N ASP B 84 15.45 26.16 10.05
CA ASP B 84 15.70 26.20 11.49
C ASP B 84 14.96 25.07 12.21
N GLU B 85 13.71 24.81 11.82
CA GLU B 85 12.95 23.73 12.45
C GLU B 85 13.53 22.36 12.09
N ILE B 86 13.88 22.17 10.82
CA ILE B 86 14.50 20.91 10.42
C ILE B 86 15.80 20.68 11.18
N GLU B 87 16.60 21.74 11.36
CA GLU B 87 17.87 21.57 12.09
C GLU B 87 17.62 21.15 13.53
N GLU B 88 16.69 21.82 14.23
CA GLU B 88 16.40 21.39 15.58
C GLU B 88 15.95 19.94 15.61
N LEU B 89 15.20 19.49 14.58
CA LEU B 89 14.77 18.10 14.55
C LEU B 89 15.93 17.14 14.43
N LEU B 90 16.99 17.54 13.75
CA LEU B 90 18.07 16.62 13.46
C LEU B 90 19.20 16.69 14.47
N ARG B 91 19.24 17.75 15.28
CA ARG B 91 20.37 18.00 16.18
C ARG B 91 20.65 16.79 17.07
N GLY B 92 21.93 16.42 17.17
CA GLY B 92 22.37 15.31 17.99
C GLY B 92 22.38 13.96 17.31
N ALA B 93 21.96 13.85 16.05
CA ALA B 93 22.01 12.57 15.38
C ALA B 93 23.45 12.22 15.03
N ASP B 94 23.81 10.95 15.20
CA ASP B 94 25.07 10.50 14.65
C ASP B 94 24.96 10.15 13.17
N MET B 95 23.77 9.75 12.72
CA MET B 95 23.58 9.35 11.35
C MET B 95 22.16 9.70 10.96
N VAL B 96 22.01 10.20 9.75
CA VAL B 96 20.72 10.61 9.21
C VAL B 96 20.58 10.01 7.82
N PHE B 97 19.52 9.22 7.61
CA PHE B 97 19.09 8.81 6.27
C PHE B 97 18.05 9.81 5.76
N VAL B 98 18.08 10.13 4.47
CA VAL B 98 17.05 10.96 3.83
C VAL B 98 16.60 10.29 2.53
N THR B 99 15.28 10.19 2.33
CA THR B 99 14.80 9.62 1.08
C THR B 99 13.47 10.25 0.71
N ALA B 100 13.31 10.53 -0.58
CA ALA B 100 12.04 10.88 -1.19
C ALA B 100 11.31 9.65 -1.70
N GLY B 101 11.86 8.45 -1.50
CA GLY B 101 11.08 7.26 -1.82
C GLY B 101 10.85 7.09 -3.32
N GLU B 102 9.76 6.40 -3.67
CA GLU B 102 9.36 6.21 -5.08
C GLU B 102 8.58 7.41 -5.58
N GLY B 103 8.59 7.58 -6.91
CA GLY B 103 7.83 8.69 -7.47
C GLY B 103 8.56 9.98 -7.19
N GLY B 104 8.27 11.02 -7.96
CA GLY B 104 8.95 12.28 -7.78
C GLY B 104 8.08 13.28 -7.04
N GLY B 105 8.20 14.53 -7.41
CA GLY B 105 7.44 15.60 -6.80
C GLY B 105 8.29 16.46 -5.89
N THR B 106 7.60 17.10 -4.93
CA THR B 106 8.25 18.08 -4.07
C THR B 106 9.33 17.46 -3.19
N GLY B 107 9.17 16.19 -2.80
CA GLY B 107 10.17 15.54 -1.96
C GLY B 107 11.54 15.53 -2.60
N THR B 108 11.59 15.44 -3.93
CA THR B 108 12.86 15.43 -4.67
C THR B 108 13.64 16.73 -4.48
N GLY B 109 12.92 17.85 -4.36
CA GLY B 109 13.55 19.14 -4.11
C GLY B 109 13.89 19.34 -2.66
N GLY B 110 13.14 18.69 -1.76
CA GLY B 110 13.37 18.91 -0.35
C GLY B 110 14.50 18.06 0.20
N ALA B 111 14.67 16.85 -0.35
CA ALA B 111 15.65 15.93 0.23
C ALA B 111 17.06 16.53 0.31
N PRO B 112 17.61 17.18 -0.73
CA PRO B 112 18.96 17.73 -0.57
C PRO B 112 19.06 18.78 0.54
N VAL B 113 17.98 19.50 0.85
CA VAL B 113 18.07 20.49 1.92
C VAL B 113 18.19 19.81 3.27
N VAL B 114 17.35 18.79 3.52
CA VAL B 114 17.49 18.01 4.75
C VAL B 114 18.90 17.41 4.84
N ALA B 115 19.37 16.80 3.73
CA ALA B 115 20.72 16.24 3.72
C ALA B 115 21.76 17.30 4.05
N SER B 116 21.69 18.45 3.39
CA SER B 116 22.67 19.50 3.61
C SER B 116 22.70 19.93 5.08
N ILE B 117 21.54 19.94 5.74
CA ILE B 117 21.48 20.37 7.14
C ILE B 117 22.09 19.31 8.04
N ALA B 118 21.72 18.05 7.82
CA ALA B 118 22.30 16.97 8.61
C ALA B 118 23.82 16.99 8.51
N ARG B 119 24.36 17.21 7.33
CA ARG B 119 25.79 17.17 7.14
C ARG B 119 26.50 18.34 7.83
N LYS B 120 25.97 19.57 7.68
CA LYS B 120 26.52 20.69 8.43
C LYS B 120 26.44 20.44 9.93
N LEU B 121 25.43 19.71 10.40
CA LEU B 121 25.42 19.35 11.81
C LEU B 121 26.52 18.36 12.20
N GLY B 122 27.24 17.75 11.24
CA GLY B 122 28.20 16.72 11.58
C GLY B 122 27.70 15.28 11.58
N ALA B 123 26.43 15.03 11.23
CA ALA B 123 25.94 13.64 11.15
C ALA B 123 26.48 12.95 9.92
N LEU B 124 26.68 11.63 10.01
CA LEU B 124 26.90 10.82 8.83
C LEU B 124 25.61 10.79 8.01
N THR B 125 25.66 11.35 6.79
CA THR B 125 24.42 11.63 6.04
C THR B 125 24.32 10.71 4.83
N VAL B 126 23.32 9.84 4.84
CA VAL B 126 23.16 8.84 3.82
C VAL B 126 21.87 9.13 3.06
N GLY B 127 21.99 9.52 1.78
CA GLY B 127 20.78 9.61 0.93
C GLY B 127 20.44 8.26 0.32
N VAL B 128 19.13 8.05 0.10
CA VAL B 128 18.65 6.90 -0.67
C VAL B 128 17.72 7.41 -1.76
N VAL B 129 18.03 7.07 -3.02
CA VAL B 129 17.30 7.61 -4.16
C VAL B 129 17.06 6.48 -5.15
N THR B 130 15.88 6.46 -5.74
CA THR B 130 15.52 5.46 -6.73
C THR B 130 15.55 6.07 -8.14
N ARG B 131 16.04 5.28 -9.13
CA ARG B 131 15.74 5.58 -10.54
C ARG B 131 14.46 4.87 -10.96
N PRO B 132 13.47 5.56 -11.51
CA PRO B 132 12.24 4.88 -11.89
C PRO B 132 12.44 3.90 -13.04
N PHE B 133 11.49 2.98 -13.19
CA PHE B 133 11.53 2.06 -14.31
C PHE B 133 11.44 2.87 -15.59
N SER B 134 12.20 2.47 -16.60
CA SER B 134 12.10 3.09 -17.91
C SER B 134 10.67 3.14 -18.45
N PHE B 135 9.85 2.13 -18.17
CA PHE B 135 8.51 2.15 -18.71
C PHE B 135 7.63 3.24 -18.09
N GLU B 136 8.08 3.91 -17.01
CA GLU B 136 7.26 4.99 -16.46
C GLU B 136 7.38 6.28 -17.27
N GLY B 137 8.22 6.30 -18.29
CA GLY B 137 8.38 7.53 -19.05
C GLY B 137 9.19 8.53 -18.25
N LYS B 138 9.04 9.80 -18.64
CA LYS B 138 9.95 10.83 -18.14
C LYS B 138 9.22 12.16 -18.11
N ARG B 139 9.07 12.74 -16.91
CA ARG B 139 8.57 14.12 -16.81
C ARG B 139 9.69 15.13 -17.07
N ARG B 140 9.31 16.29 -17.60
CA ARG B 140 10.20 17.24 -18.25
C ARG B 140 11.44 17.64 -17.45
N SER B 141 12.36 18.31 -18.16
CA SER B 141 13.50 19.02 -17.60
C SER B 141 14.53 18.11 -16.94
N ASN B 142 14.38 16.79 -17.06
CA ASN B 142 15.32 15.81 -16.50
C ASN B 142 15.27 15.81 -14.98
N GLN B 143 14.10 16.13 -14.39
CA GLN B 143 13.97 16.41 -12.96
C GLN B 143 14.63 15.35 -12.10
N ALA B 144 14.26 14.08 -12.34
CA ALA B 144 14.79 12.98 -11.54
C ALA B 144 16.31 12.96 -11.52
N GLU B 145 16.94 13.11 -12.69
CA GLU B 145 18.39 13.09 -12.73
C GLU B 145 19.00 14.33 -12.11
N ASN B 146 18.30 15.47 -12.08
CA ASN B 146 18.85 16.61 -11.33
C ASN B 146 18.66 16.41 -9.82
N GLY B 147 17.63 15.68 -9.40
CA GLY B 147 17.47 15.40 -7.97
C GLY B 147 18.59 14.55 -7.40
N ILE B 148 19.07 13.56 -8.18
CA ILE B 148 20.21 12.75 -7.77
C ILE B 148 21.45 13.63 -7.59
N ALA B 149 21.71 14.49 -8.56
CA ALA B 149 22.93 15.30 -8.51
C ALA B 149 22.89 16.24 -7.32
N ALA B 150 21.73 16.85 -7.05
CA ALA B 150 21.60 17.70 -5.86
C ALA B 150 21.75 16.89 -4.59
N LEU B 151 21.13 15.71 -4.55
CA LEU B 151 21.24 14.91 -3.35
C LEU B 151 22.69 14.51 -3.13
N ARG B 152 23.39 14.19 -4.22
CA ARG B 152 24.76 13.74 -4.13
C ARG B 152 25.69 14.83 -3.62
N GLU B 153 25.46 16.08 -4.05
CA GLU B 153 26.30 17.16 -3.55
C GLU B 153 26.20 17.38 -2.04
N SER B 154 25.19 16.83 -1.37
CA SER B 154 25.02 17.13 0.05
C SER B 154 24.92 15.89 0.94
N CYS B 155 25.17 14.70 0.40
CA CYS B 155 25.25 13.47 1.18
C CYS B 155 26.71 13.06 1.39
N ASP B 156 26.98 12.39 2.51
CA ASP B 156 28.24 11.63 2.62
C ASP B 156 28.25 10.49 1.60
N THR B 157 27.18 9.71 1.58
CA THR B 157 26.98 8.58 0.66
C THR B 157 25.57 8.66 0.11
N LEU B 158 25.41 8.54 -1.22
CA LEU B 158 24.12 8.46 -1.89
C LEU B 158 23.98 7.03 -2.38
N ILE B 159 23.02 6.29 -1.82
CA ILE B 159 22.73 4.95 -2.33
C ILE B 159 21.72 5.09 -3.47
N VAL B 160 22.07 4.59 -4.65
CA VAL B 160 21.21 4.69 -5.82
C VAL B 160 20.66 3.31 -6.11
N ILE B 161 19.35 3.25 -6.28
CA ILE B 161 18.64 2.00 -6.60
C ILE B 161 18.08 2.11 -8.02
N PRO B 162 18.71 1.49 -9.01
CA PRO B 162 18.16 1.51 -10.37
C PRO B 162 17.01 0.49 -10.52
N ASN B 163 15.76 0.95 -10.46
CA ASN B 163 14.63 0.01 -10.45
C ASN B 163 14.62 -0.89 -11.68
N ASP B 164 15.11 -0.41 -12.83
CA ASP B 164 15.18 -1.27 -14.01
C ASP B 164 15.86 -2.62 -13.74
N ARG B 165 16.88 -2.63 -12.88
CA ARG B 165 17.62 -3.86 -12.65
CA ARG B 165 17.64 -3.86 -12.62
C ARG B 165 16.79 -4.91 -11.93
N LEU B 166 15.71 -4.50 -11.29
CA LEU B 166 14.81 -5.46 -10.65
C LEU B 166 14.14 -6.38 -11.66
N LEU B 167 13.97 -5.94 -12.90
CA LEU B 167 13.32 -6.85 -13.86
C LEU B 167 14.23 -8.00 -14.27
N GLN B 168 15.49 -7.99 -13.83
CA GLN B 168 16.39 -9.11 -14.00
C GLN B 168 16.46 -10.00 -12.76
N MET B 169 15.65 -9.72 -11.74
CA MET B 169 15.61 -10.55 -10.52
C MET B 169 14.29 -11.33 -10.41
N ALA B 173 10.33 -14.42 -14.28
CA ALA B 173 9.80 -13.26 -15.00
C ALA B 173 8.83 -12.45 -14.13
N VAL B 174 9.06 -11.15 -14.11
CA VAL B 174 8.39 -10.23 -13.20
C VAL B 174 7.18 -9.64 -13.91
N SER B 175 6.01 -9.69 -13.26
CA SER B 175 4.79 -8.96 -13.65
C SER B 175 4.84 -7.51 -13.12
N LEU B 176 3.92 -6.69 -13.59
CA LEU B 176 3.92 -5.27 -13.26
C LEU B 176 3.72 -5.06 -11.76
N MET B 177 2.74 -5.75 -11.17
CA MET B 177 2.54 -5.59 -9.73
C MET B 177 3.75 -6.07 -8.96
N ASP B 178 4.36 -7.18 -9.40
CA ASP B 178 5.54 -7.67 -8.72
C ASP B 178 6.67 -6.66 -8.84
N ALA B 179 6.78 -6.00 -10.00
CA ALA B 179 7.85 -5.02 -10.18
C ALA B 179 7.73 -3.91 -9.13
N PHE B 180 6.52 -3.36 -8.99
CA PHE B 180 6.28 -2.29 -8.02
C PHE B 180 6.55 -2.73 -6.59
N ARG B 181 6.13 -3.94 -6.24
CA ARG B 181 6.34 -4.43 -4.88
C ARG B 181 7.82 -4.73 -4.64
N SER B 182 8.51 -5.31 -5.62
CA SER B 182 9.94 -5.52 -5.48
C SER B 182 10.66 -4.18 -5.26
N ALA B 183 10.26 -3.13 -5.97
CA ALA B 183 10.91 -1.82 -5.76
C ALA B 183 10.72 -1.30 -4.35
N ASP B 184 9.48 -1.35 -3.83
CA ASP B 184 9.23 -0.91 -2.45
C ASP B 184 10.10 -1.67 -1.46
N GLU B 185 10.27 -2.99 -1.67
CA GLU B 185 11.02 -3.81 -0.70
C GLU B 185 12.52 -3.55 -0.76
N VAL B 186 13.09 -3.32 -1.95
CA VAL B 186 14.52 -3.04 -1.96
C VAL B 186 14.81 -1.66 -1.41
N LEU B 187 13.90 -0.70 -1.64
CA LEU B 187 14.04 0.61 -1.01
C LEU B 187 14.09 0.49 0.51
N LEU B 188 13.15 -0.27 1.10
CA LEU B 188 13.20 -0.45 2.55
C LEU B 188 14.51 -1.11 2.96
N ASN B 189 15.02 -2.04 2.14
CA ASN B 189 16.30 -2.64 2.46
C ASN B 189 17.49 -1.68 2.35
N GLY B 190 17.39 -0.60 1.56
CA GLY B 190 18.49 0.34 1.50
C GLY B 190 18.74 1.07 2.81
N VAL B 191 17.73 1.11 3.68
CA VAL B 191 17.90 1.62 5.03
C VAL B 191 18.19 0.47 6.00
N GLN B 192 17.34 -0.56 5.98
CA GLN B 192 17.33 -1.55 7.05
C GLN B 192 18.61 -2.38 7.05
N GLY B 193 19.10 -2.75 5.85
CA GLY B 193 20.32 -3.55 5.78
C GLY B 193 21.46 -2.94 6.59
N ILE B 194 21.65 -1.61 6.46
CA ILE B 194 22.68 -0.92 7.21
C ILE B 194 22.27 -0.71 8.68
N THR B 195 21.05 -0.19 8.93
CA THR B 195 20.74 0.18 10.31
C THR B 195 20.71 -1.04 11.21
N ASP B 196 20.16 -2.17 10.73
CA ASP B 196 20.15 -3.36 11.58
C ASP B 196 21.56 -3.76 11.98
N LEU B 197 22.50 -3.70 11.04
CA LEU B 197 23.89 -4.06 11.33
C LEU B 197 24.45 -3.22 12.48
N ILE B 198 24.07 -1.95 12.54
CA ILE B 198 24.52 -1.09 13.64
C ILE B 198 23.70 -1.33 14.90
N THR B 199 22.37 -1.46 14.77
CA THR B 199 21.51 -1.35 15.96
C THR B 199 21.15 -2.68 16.58
N THR B 200 21.19 -3.77 15.84
CA THR B 200 20.72 -5.02 16.41
C THR B 200 21.91 -5.96 16.52
N PRO B 201 22.14 -6.53 17.68
CA PRO B 201 23.33 -7.38 17.84
C PRO B 201 23.24 -8.66 17.03
N GLY B 202 24.38 -9.07 16.49
CA GLY B 202 24.56 -10.41 15.96
C GLY B 202 25.81 -11.01 16.58
N LEU B 203 26.16 -12.22 16.13
CA LEU B 203 27.42 -12.80 16.64
C LEU B 203 28.63 -11.92 16.29
N ILE B 204 28.62 -11.31 15.11
CA ILE B 204 29.69 -10.42 14.66
C ILE B 204 29.14 -9.01 14.66
N ASN B 205 29.63 -8.15 15.53
CA ASN B 205 29.13 -6.78 15.60
C ASN B 205 30.16 -5.82 15.04
N VAL B 206 29.67 -4.66 14.58
CA VAL B 206 30.54 -3.70 13.92
C VAL B 206 30.63 -2.41 14.72
N ASP B 207 31.75 -1.72 14.55
CA ASP B 207 32.03 -0.44 15.16
C ASP B 207 31.44 0.70 14.32
N PHE B 208 30.56 1.51 14.92
CA PHE B 208 29.91 2.59 14.15
C PHE B 208 30.94 3.54 13.56
N ALA B 209 32.08 3.72 14.22
CA ALA B 209 33.18 4.50 13.65
C ALA B 209 33.69 3.88 12.36
N ASP B 210 33.63 2.55 12.24
CA ASP B 210 34.05 1.90 11.00
C ASP B 210 33.04 2.13 9.89
N VAL B 211 31.75 2.06 10.23
CA VAL B 211 30.70 2.46 9.29
C VAL B 211 30.95 3.89 8.82
N LYS B 212 31.31 4.76 9.75
CA LYS B 212 31.59 6.15 9.39
C LYS B 212 32.81 6.25 8.48
N GLY B 213 33.85 5.46 8.77
CA GLY B 213 35.02 5.51 7.94
C GLY B 213 34.76 5.06 6.52
N ILE B 214 33.84 4.10 6.36
CA ILE B 214 33.45 3.59 5.05
C ILE B 214 32.57 4.59 4.30
N MET B 215 31.60 5.20 4.99
CA MET B 215 30.61 6.00 4.30
C MET B 215 30.87 7.51 4.31
N SER B 216 31.67 8.05 5.25
CA SER B 216 31.88 9.50 5.26
C SER B 216 32.54 9.94 3.97
N GLY B 217 31.99 10.96 3.33
CA GLY B 217 32.59 11.45 2.10
C GLY B 217 32.76 10.44 0.98
N ALA B 218 32.04 9.31 1.01
CA ALA B 218 32.32 8.20 0.10
C ALA B 218 31.64 8.32 -1.27
N GLY B 219 30.66 9.18 -1.45
CA GLY B 219 30.06 9.34 -2.77
C GLY B 219 28.87 8.42 -3.05
N THR B 220 28.74 7.93 -4.27
CA THR B 220 27.59 7.09 -4.57
C THR B 220 27.90 5.64 -4.24
N ALA B 221 26.83 4.92 -3.90
CA ALA B 221 26.99 3.52 -3.58
C ALA B 221 25.83 2.76 -4.19
N LEU B 222 26.04 1.48 -4.48
CA LEU B 222 25.02 0.58 -4.99
C LEU B 222 24.80 -0.49 -3.93
N MET B 223 23.70 -1.19 -4.05
CA MET B 223 23.30 -2.20 -3.08
C MET B 223 23.04 -3.51 -3.79
N GLY B 224 23.40 -4.61 -3.14
CA GLY B 224 22.97 -5.92 -3.60
C GLY B 224 22.34 -6.67 -2.46
N ILE B 225 21.38 -7.55 -2.79
CA ILE B 225 20.74 -8.36 -1.76
C ILE B 225 20.62 -9.80 -2.24
N GLY B 226 20.62 -10.72 -1.26
CA GLY B 226 20.44 -12.12 -1.55
C GLY B 226 19.82 -12.82 -0.36
N SER B 227 19.17 -13.96 -0.63
CA SER B 227 18.46 -14.72 0.38
CA SER B 227 18.46 -14.72 0.38
C SER B 227 18.55 -16.21 0.06
N ALA B 228 18.69 -17.04 1.08
CA ALA B 228 18.70 -18.48 0.86
C ALA B 228 18.29 -19.21 2.14
N ARG B 229 17.87 -20.47 1.98
CA ARG B 229 17.38 -21.32 3.06
C ARG B 229 18.19 -22.61 3.10
N GLY B 230 18.25 -23.23 4.27
CA GLY B 230 18.78 -24.59 4.37
C GLY B 230 20.28 -24.70 4.13
N GLU B 231 20.69 -25.85 3.60
CA GLU B 231 22.11 -26.18 3.55
C GLU B 231 22.86 -25.22 2.65
N GLY B 232 24.05 -24.79 3.10
CA GLY B 232 24.89 -23.86 2.36
C GLY B 232 24.30 -22.49 2.17
N ARG B 233 23.32 -22.12 3.02
CA ARG B 233 22.51 -20.93 2.80
C ARG B 233 23.34 -19.64 2.82
N SER B 234 24.35 -19.58 3.67
CA SER B 234 25.07 -18.32 3.83
CA SER B 234 25.10 -18.34 3.84
C SER B 234 25.91 -18.03 2.61
N LEU B 235 26.62 -19.03 2.08
CA LEU B 235 27.42 -18.83 0.88
C LEU B 235 26.53 -18.55 -0.31
N LYS B 236 25.35 -19.16 -0.32
CA LYS B 236 24.47 -19.00 -1.45
C LYS B 236 23.89 -17.60 -1.46
N ALA B 237 23.36 -17.15 -0.32
CA ALA B 237 22.79 -15.81 -0.25
C ALA B 237 23.87 -14.74 -0.48
N ALA B 238 25.07 -14.94 0.06
CA ALA B 238 26.15 -13.98 -0.19
C ALA B 238 26.52 -13.93 -1.66
N GLU B 239 26.53 -15.09 -2.33
CA GLU B 239 26.89 -15.11 -3.75
C GLU B 239 25.83 -14.37 -4.58
N ILE B 240 24.55 -14.58 -4.27
CA ILE B 240 23.47 -13.83 -4.91
C ILE B 240 23.65 -12.32 -4.70
N ALA B 241 23.93 -11.92 -3.45
CA ALA B 241 24.04 -10.50 -3.12
C ALA B 241 25.21 -9.83 -3.86
N ILE B 242 26.37 -10.48 -3.84
CA ILE B 242 27.57 -9.96 -4.49
C ILE B 242 27.37 -9.84 -5.99
N ASN B 243 26.60 -10.75 -6.58
CA ASN B 243 26.37 -10.73 -8.01
C ASN B 243 25.08 -10.03 -8.39
N SER B 244 24.41 -9.38 -7.44
CA SER B 244 23.10 -8.79 -7.70
C SER B 244 23.14 -7.86 -8.92
N PRO B 245 22.14 -7.91 -9.81
CA PRO B 245 22.13 -6.90 -10.89
C PRO B 245 22.00 -5.48 -10.35
N LEU B 246 21.43 -5.30 -9.15
CA LEU B 246 21.32 -3.95 -8.56
C LEU B 246 22.69 -3.31 -8.28
N LEU B 247 23.77 -4.10 -8.22
CA LEU B 247 25.11 -3.58 -8.01
C LEU B 247 25.79 -3.15 -9.31
N GLU B 248 25.22 -3.53 -10.47
CA GLU B 248 25.71 -3.08 -11.77
C GLU B 248 27.22 -3.23 -11.91
N ALA B 249 27.77 -4.36 -11.43
CA ALA B 249 29.24 -4.53 -11.42
C ALA B 249 30.01 -3.36 -10.75
N SER B 250 29.42 -2.72 -9.74
CA SER B 250 30.21 -1.78 -8.94
C SER B 250 31.21 -2.47 -8.04
N MET B 251 31.14 -3.79 -7.93
CA MET B 251 31.77 -4.47 -6.82
C MET B 251 33.30 -4.56 -6.99
N GLU B 252 33.79 -4.83 -8.18
CA GLU B 252 35.23 -5.07 -8.27
C GLU B 252 36.06 -3.79 -8.14
N GLY B 253 35.47 -2.62 -8.45
CA GLY B 253 36.10 -1.33 -8.21
C GLY B 253 35.82 -0.68 -6.87
N ALA B 254 34.88 -1.18 -6.08
CA ALA B 254 34.44 -0.44 -4.90
C ALA B 254 35.59 -0.30 -3.92
N GLN B 255 35.73 0.90 -3.38
CA GLN B 255 36.78 1.12 -2.39
C GLN B 255 36.28 0.89 -0.97
N GLY B 256 34.98 0.83 -0.78
CA GLY B 256 34.42 0.51 0.52
C GLY B 256 33.27 -0.46 0.39
N VAL B 257 33.28 -1.55 1.17
CA VAL B 257 32.24 -2.55 1.06
C VAL B 257 31.70 -2.83 2.45
N LEU B 258 30.38 -2.80 2.59
CA LEU B 258 29.72 -3.17 3.84
C LEU B 258 28.88 -4.42 3.55
N MET B 259 29.00 -5.44 4.40
CA MET B 259 28.17 -6.63 4.22
C MET B 259 27.52 -7.01 5.54
N SER B 260 26.22 -7.29 5.50
CA SER B 260 25.49 -7.73 6.68
C SER B 260 24.78 -9.06 6.39
N ILE B 261 24.87 -10.04 7.30
CA ILE B 261 24.09 -11.27 7.21
C ILE B 261 23.05 -11.27 8.33
N ALA B 262 21.76 -11.22 7.97
CA ALA B 262 20.69 -11.42 8.95
C ALA B 262 20.23 -12.87 8.99
N GLY B 263 19.96 -13.36 10.19
CA GLY B 263 19.67 -14.78 10.39
C GLY B 263 19.24 -15.00 11.82
N GLY B 264 18.85 -16.25 12.10
CA GLY B 264 18.51 -16.66 13.44
C GLY B 264 19.72 -16.74 14.36
N SER B 265 19.42 -16.80 15.67
CA SER B 265 20.43 -16.89 16.72
CA SER B 265 20.46 -16.86 16.69
C SER B 265 21.43 -18.02 16.50
N ASP B 266 21.02 -19.06 15.76
CA ASP B 266 21.83 -20.27 15.61
C ASP B 266 22.78 -20.21 14.41
N LEU B 267 22.85 -19.08 13.70
CA LEU B 267 23.83 -18.89 12.63
C LEU B 267 25.25 -19.19 13.12
N GLY B 268 25.93 -20.13 12.47
CA GLY B 268 27.20 -20.59 12.98
C GLY B 268 28.38 -19.76 12.52
N LEU B 269 29.39 -19.72 13.38
CA LEU B 269 30.61 -19.00 13.07
C LEU B 269 31.22 -19.45 11.76
N PHE B 270 31.30 -20.76 11.53
CA PHE B 270 31.96 -21.27 10.33
C PHE B 270 31.24 -20.77 9.08
N GLU B 271 29.92 -20.95 9.01
CA GLU B 271 29.20 -20.47 7.84
C GLU B 271 29.22 -18.94 7.75
N ILE B 272 29.21 -18.25 8.88
CA ILE B 272 29.37 -16.80 8.79
C ILE B 272 30.68 -16.46 8.12
N ASN B 273 31.75 -17.09 8.58
CA ASN B 273 33.08 -16.80 8.08
C ASN B 273 33.25 -17.18 6.62
N GLU B 274 32.51 -18.19 6.13
CA GLU B 274 32.58 -18.52 4.71
C GLU B 274 32.11 -17.36 3.85
N ALA B 275 30.99 -16.75 4.23
CA ALA B 275 30.47 -15.61 3.48
C ALA B 275 31.41 -14.41 3.59
N ALA B 276 31.96 -14.16 4.77
CA ALA B 276 32.96 -13.11 4.94
C ALA B 276 34.12 -13.32 3.97
N SER B 277 34.60 -14.56 3.85
CA SER B 277 35.74 -14.85 2.97
C SER B 277 35.38 -14.65 1.51
N LEU B 278 34.18 -15.05 1.12
CA LEU B 278 33.74 -14.88 -0.26
C LEU B 278 33.71 -13.41 -0.65
N VAL B 279 33.23 -12.54 0.25
CA VAL B 279 33.13 -11.13 -0.12
C VAL B 279 34.51 -10.51 -0.23
N GLN B 280 35.45 -10.92 0.63
CA GLN B 280 36.82 -10.41 0.49
C GLN B 280 37.44 -10.83 -0.83
N ASP B 281 37.17 -12.05 -1.29
CA ASP B 281 37.67 -12.47 -2.60
C ASP B 281 37.04 -11.66 -3.72
N ALA B 282 35.75 -11.34 -3.57
CA ALA B 282 35.03 -10.61 -4.62
C ALA B 282 35.49 -9.16 -4.70
N ALA B 283 35.90 -8.58 -3.58
CA ALA B 283 36.13 -7.14 -3.52
C ALA B 283 37.53 -6.77 -4.04
N HIS B 284 37.66 -5.49 -4.44
CA HIS B 284 38.96 -4.93 -4.80
C HIS B 284 39.98 -5.21 -3.70
N PRO B 285 41.24 -5.50 -4.05
CA PRO B 285 42.25 -5.78 -3.01
C PRO B 285 42.45 -4.65 -2.00
N ASP B 286 42.29 -3.40 -2.39
CA ASP B 286 42.48 -2.28 -1.47
C ASP B 286 41.21 -1.85 -0.72
N ALA B 287 40.09 -2.55 -0.90
CA ALA B 287 38.85 -2.09 -0.27
C ALA B 287 38.89 -2.21 1.24
N ASN B 288 38.30 -1.22 1.92
CA ASN B 288 37.90 -1.40 3.30
C ASN B 288 36.67 -2.29 3.30
N ILE B 289 36.66 -3.32 4.14
CA ILE B 289 35.46 -4.15 4.23
C ILE B 289 34.96 -4.15 5.67
N ILE B 290 33.70 -3.76 5.87
CA ILE B 290 33.00 -3.85 7.15
C ILE B 290 32.05 -5.03 7.06
N PHE B 291 32.13 -5.96 8.02
CA PHE B 291 31.36 -7.21 7.95
C PHE B 291 30.68 -7.48 9.29
N GLY B 292 29.39 -7.82 9.28
CA GLY B 292 28.80 -8.26 10.53
C GLY B 292 27.49 -9.00 10.35
N THR B 293 26.92 -9.42 11.47
CA THR B 293 25.70 -10.23 11.41
C THR B 293 24.63 -9.61 12.31
N VAL B 294 23.39 -10.01 12.05
CA VAL B 294 22.19 -9.47 12.67
C VAL B 294 21.35 -10.65 13.13
N ILE B 295 20.96 -10.64 14.40
CA ILE B 295 20.04 -11.64 14.93
CA ILE B 295 20.05 -11.66 14.90
C ILE B 295 18.61 -11.23 14.60
N ASP B 296 17.89 -12.08 13.88
CA ASP B 296 16.46 -11.89 13.61
C ASP B 296 15.85 -13.28 13.68
N ASP B 297 15.25 -13.61 14.82
CA ASP B 297 14.72 -14.95 14.98
C ASP B 297 13.42 -15.17 14.21
N SER B 298 12.85 -14.12 13.61
CA SER B 298 11.64 -14.30 12.81
C SER B 298 11.90 -15.05 11.50
N LEU B 299 13.15 -15.27 11.12
CA LEU B 299 13.48 -15.74 9.78
C LEU B 299 13.50 -17.26 9.62
N GLY B 300 13.33 -18.01 10.71
CA GLY B 300 13.41 -19.45 10.58
C GLY B 300 14.79 -19.88 10.11
N ASP B 301 14.83 -20.66 9.03
CA ASP B 301 16.11 -21.10 8.49
C ASP B 301 16.56 -20.26 7.28
N GLU B 302 15.91 -19.12 7.03
CA GLU B 302 16.38 -18.21 5.99
C GLU B 302 17.49 -17.29 6.52
N VAL B 303 18.48 -16.99 5.67
CA VAL B 303 19.37 -15.86 5.93
C VAL B 303 19.19 -14.82 4.83
N ARG B 304 19.39 -13.54 5.18
CA ARG B 304 19.37 -12.45 4.21
C ARG B 304 20.63 -11.62 4.26
N VAL B 305 21.22 -11.41 3.09
CA VAL B 305 22.50 -10.72 2.94
C VAL B 305 22.25 -9.37 2.26
N THR B 306 22.87 -8.33 2.81
CA THR B 306 22.95 -7.04 2.16
C THR B 306 24.41 -6.68 1.92
N VAL B 307 24.72 -6.20 0.72
CA VAL B 307 26.05 -5.69 0.37
C VAL B 307 25.86 -4.28 -0.12
N ILE B 308 26.63 -3.35 0.45
CA ILE B 308 26.72 -1.97 0.00
C ILE B 308 28.12 -1.78 -0.56
N ALA B 309 28.22 -1.29 -1.79
CA ALA B 309 29.51 -1.07 -2.43
C ALA B 309 29.64 0.41 -2.72
N ALA B 310 30.60 1.06 -2.06
CA ALA B 310 30.77 2.49 -2.17
C ALA B 310 32.08 2.82 -2.88
N GLY B 311 32.10 3.98 -3.53
CA GLY B 311 33.30 4.46 -4.19
C GLY B 311 33.65 3.69 -5.45
N PHE B 312 34.83 3.99 -5.97
CA PHE B 312 35.18 3.52 -7.30
C PHE B 312 36.69 3.36 -7.40
N ASP B 313 37.13 2.52 -8.33
CA ASP B 313 38.55 2.35 -8.58
C ASP B 313 39.04 3.51 -9.43
N VAL B 314 40.15 4.09 -9.03
CA VAL B 314 40.70 5.23 -9.73
C VAL B 314 42.01 4.89 -10.43
N SER B 315 42.44 3.62 -10.37
CA SER B 315 43.58 3.04 -11.13
C SER B 315 44.88 3.84 -11.03
PG GSP C . -18.23 17.01 0.91
O3B GSP C . -18.49 15.57 0.24
S1G GSP C . -18.97 17.09 2.47
O2G GSP C . -16.71 17.27 0.88
O3G GSP C . -18.92 18.11 0.07
PB GSP C . -18.33 14.11 0.85
O1B GSP C . -18.15 13.23 -0.32
O2B GSP C . -17.36 13.95 1.97
PA GSP C . -20.26 12.64 2.35
O1A GSP C . -19.50 11.42 1.98
O2A GSP C . -20.20 12.99 3.76
O3A GSP C . -19.81 13.91 1.47
O5' GSP C . -21.77 12.46 1.85
C5' GSP C . -22.11 12.01 0.54
C4' GSP C . -23.34 11.10 0.70
O4' GSP C . -23.00 10.01 1.54
C3' GSP C . -24.51 11.75 1.45
O3' GSP C . -25.37 12.49 0.59
C2' GSP C . -25.21 10.60 2.14
O2' GSP C . -26.04 9.91 1.23
C1' GSP C . -24.09 9.61 2.35
N9 GSP C . -23.62 9.62 3.73
C8 GSP C . -23.60 10.68 4.64
N7 GSP C . -23.04 10.21 5.79
C5 GSP C . -22.73 8.90 5.64
C6 GSP C . -22.13 7.96 6.48
O6 GSP C . -21.79 8.25 7.62
N1 GSP C . -21.92 6.68 6.01
C2 GSP C . -22.31 6.33 4.73
N2 GSP C . -22.08 5.11 4.25
N3 GSP C . -22.87 7.27 3.91
C4 GSP C . -23.08 8.54 4.35
#